data_2E47
#
_entry.id   2E47
#
_cell.length_a   47.098
_cell.length_b   73.894
_cell.length_c   47.446
_cell.angle_alpha   90.00
_cell.angle_beta   104.07
_cell.angle_gamma   90.00
#
_symmetry.space_group_name_H-M   'P 1 21 1'
#
loop_
_entity.id
_entity.type
_entity.pdbx_description
1 polymer 'Time interval measuring enzyme TIME'
2 branched alpha-D-mannopyranose-(1-4)-2-acetamido-2-deoxy-beta-D-glucopyranose-(1-4)-2-acetamido-2-deoxy-beta-D-glucopyranose
3 branched 2-acetamido-2-deoxy-beta-D-glucopyranose-(1-4)-2-acetamido-2-deoxy-beta-D-glucopyranose
4 non-polymer 'COPPER (II) ION'
5 non-polymer 'ZINC ION'
6 water water
#
_entity_poly.entity_id   1
_entity_poly.type   'polypeptide(L)'
_entity_poly.pdbx_seq_one_letter_code
;HHGFTTPSRAIAVLSTETIRGNITFTQVQDGKVHVQGGITGLPPGEYGFHVHEKGDLSGGCLSTGSHFNPEHKDHGHPND
VNRHVGDLGNVVFDENHYSRIDLVDDQISLSGPHGIIGRAVVLHEKADDYGKSDHPDSRKTGNAGGRVACGVIGIL
;
_entity_poly.pdbx_strand_id   A,B
#
# COMPACT_ATOMS: atom_id res chain seq x y z
N HIS A 2 6.74 11.96 22.74
CA HIS A 2 7.37 13.12 22.01
C HIS A 2 8.89 13.08 22.06
N GLY A 3 9.54 12.73 21.00
CA GLY A 3 10.97 13.05 21.00
C GLY A 3 11.09 14.12 19.95
N PHE A 4 12.07 14.01 19.07
CA PHE A 4 12.03 14.88 17.87
C PHE A 4 10.80 14.53 17.01
N THR A 5 10.33 15.48 16.23
CA THR A 5 9.33 15.14 15.25
C THR A 5 10.15 14.53 14.11
N THR A 6 9.44 13.79 13.23
CA THR A 6 10.07 12.86 12.29
C THR A 6 9.36 13.06 10.94
N PRO A 7 10.13 13.19 9.87
CA PRO A 7 9.52 13.49 8.58
C PRO A 7 8.91 12.22 7.97
N SER A 8 8.15 12.41 6.90
CA SER A 8 7.48 11.35 6.14
C SER A 8 8.45 10.36 5.53
N ARG A 9 8.18 9.08 5.79
CA ARG A 9 8.84 7.97 5.11
C ARG A 9 7.76 7.03 4.50
N ALA A 10 8.20 6.09 3.68
CA ALA A 10 7.28 5.12 3.09
C ALA A 10 8.03 3.82 2.98
N ILE A 11 7.31 2.74 2.78
CA ILE A 11 7.96 1.44 2.81
C ILE A 11 7.08 0.54 1.94
N ALA A 12 7.71 -0.41 1.26
CA ALA A 12 7.00 -1.45 0.45
C ALA A 12 7.58 -2.75 0.90
N VAL A 13 6.77 -3.77 0.98
CA VAL A 13 7.27 -5.06 1.39
C VAL A 13 7.04 -6.01 0.26
N LEU A 14 8.05 -6.77 -0.13
CA LEU A 14 7.91 -7.88 -1.10
C LEU A 14 7.80 -9.21 -0.32
N SER A 15 6.87 -10.09 -0.66
CA SER A 15 6.68 -11.29 0.09
C SER A 15 5.99 -12.34 -0.82
N THR A 16 6.80 -13.35 -1.22
CA THR A 16 6.50 -14.39 -2.17
C THR A 16 7.00 -15.70 -1.46
N GLU A 17 6.68 -16.88 -2.03
CA GLU A 17 7.27 -18.13 -1.56
C GLU A 17 8.80 -18.03 -1.60
N THR A 18 9.34 -17.40 -2.66
CA THR A 18 10.81 -17.32 -2.82
C THR A 18 11.50 -15.99 -2.49
N ILE A 19 10.76 -14.87 -2.55
CA ILE A 19 11.37 -13.55 -2.47
C ILE A 19 10.88 -12.78 -1.29
N ARG A 20 11.80 -12.16 -0.54
CA ARG A 20 11.43 -11.34 0.61
C ARG A 20 12.26 -10.10 0.66
N GLY A 21 11.59 -8.98 0.96
CA GLY A 21 12.33 -7.76 1.18
C GLY A 21 11.52 -6.65 1.74
N ASN A 22 12.24 -5.64 2.23
CA ASN A 22 11.68 -4.36 2.67
C ASN A 22 12.42 -3.31 1.89
N ILE A 23 11.67 -2.34 1.38
CA ILE A 23 12.22 -1.14 0.72
C ILE A 23 11.63 0.08 1.33
N THR A 24 12.50 0.98 1.81
CA THR A 24 12.16 2.13 2.58
C THR A 24 12.48 3.40 1.73
N PHE A 25 11.68 4.47 1.84
CA PHE A 25 11.91 5.68 1.04
C PHE A 25 11.96 6.83 2.01
N THR A 26 13.00 7.65 2.00
CA THR A 26 13.11 8.70 2.98
C THR A 26 13.58 9.93 2.24
N GLN A 27 12.92 11.04 2.51
CA GLN A 27 13.17 12.25 1.80
C GLN A 27 14.48 12.80 2.38
N VAL A 28 15.36 13.29 1.52
CA VAL A 28 16.63 13.83 1.97
C VAL A 28 16.77 15.26 1.39
N GLN A 29 17.96 15.84 1.53
CA GLN A 29 18.27 17.18 1.04
C GLN A 29 17.83 17.48 -0.40
N ASP A 30 17.21 18.65 -0.53
CA ASP A 30 16.72 19.21 -1.78
C ASP A 30 15.61 18.39 -2.45
N GLY A 31 14.86 17.66 -1.63
CA GLY A 31 13.65 16.96 -2.11
C GLY A 31 13.91 15.62 -2.81
N LYS A 32 15.12 15.12 -2.77
CA LYS A 32 15.38 13.77 -3.36
C LYS A 32 14.97 12.66 -2.38
N VAL A 33 14.96 11.42 -2.87
CA VAL A 33 14.49 10.33 -2.01
C VAL A 33 15.58 9.28 -1.87
N HIS A 34 15.93 8.94 -0.62
CA HIS A 34 16.88 7.87 -0.39
C HIS A 34 16.05 6.60 -0.30
N VAL A 35 16.32 5.68 -1.21
CA VAL A 35 15.72 4.33 -1.26
C VAL A 35 16.68 3.29 -0.70
N GLN A 36 16.32 2.53 0.31
CA GLN A 36 17.23 1.53 0.80
C GLN A 36 16.54 0.23 1.26
N GLY A 37 17.27 -0.86 1.32
CA GLY A 37 16.69 -2.05 1.89
C GLY A 37 17.43 -3.22 1.35
N GLY A 38 16.77 -4.38 1.41
CA GLY A 38 17.44 -5.64 1.13
C GLY A 38 16.38 -6.52 0.60
N ILE A 39 16.71 -7.38 -0.36
CA ILE A 39 15.74 -8.35 -0.91
C ILE A 39 16.55 -9.62 -0.97
N THR A 40 15.96 -10.76 -0.64
CA THR A 40 16.59 -12.05 -0.90
C THR A 40 15.69 -12.91 -1.80
N GLY A 41 16.31 -13.78 -2.56
CA GLY A 41 15.55 -14.76 -3.30
C GLY A 41 15.86 -14.88 -4.78
N LEU A 42 16.76 -14.07 -5.33
CA LEU A 42 17.12 -14.29 -6.73
C LEU A 42 18.60 -14.54 -6.89
N PRO A 43 18.97 -15.28 -7.91
CA PRO A 43 20.39 -15.58 -8.16
C PRO A 43 21.22 -14.33 -8.49
N PRO A 44 22.57 -14.39 -8.43
CA PRO A 44 23.39 -13.19 -8.61
C PRO A 44 23.09 -12.65 -10.05
N GLY A 45 22.96 -11.36 -10.20
CA GLY A 45 22.55 -10.76 -11.46
C GLY A 45 21.88 -9.42 -11.23
N GLU A 46 21.23 -8.86 -12.25
CA GLU A 46 20.55 -7.57 -12.14
C GLU A 46 19.13 -7.69 -12.64
N TYR A 47 18.22 -6.93 -12.03
CA TYR A 47 16.79 -7.15 -12.28
C TYR A 47 16.09 -5.82 -12.22
N GLY A 48 15.19 -5.59 -13.17
CA GLY A 48 14.40 -4.36 -13.23
C GLY A 48 13.66 -4.11 -11.96
N PHE A 49 13.69 -2.87 -11.50
CA PHE A 49 12.97 -2.53 -10.30
C PHE A 49 12.32 -1.17 -10.53
N HIS A 50 10.99 -1.08 -10.53
CA HIS A 50 10.33 0.18 -10.90
C HIS A 50 9.15 0.51 -10.00
N VAL A 51 8.72 1.77 -9.96
CA VAL A 51 7.45 2.16 -9.36
C VAL A 51 6.42 2.11 -10.47
N HIS A 52 5.41 1.27 -10.30
CA HIS A 52 4.38 1.18 -11.30
C HIS A 52 3.20 2.09 -10.86
N GLU A 53 2.33 2.44 -11.79
CA GLU A 53 1.41 3.51 -11.58
C GLU A 53 0.34 3.19 -10.50
N LYS A 54 -0.19 1.98 -10.47
CA LYS A 54 -1.31 1.72 -9.58
C LYS A 54 -0.85 0.81 -8.41
N GLY A 55 -1.42 1.00 -7.24
CA GLY A 55 -1.10 0.16 -6.04
C GLY A 55 -2.20 -0.84 -5.87
N ASP A 56 -2.56 -1.44 -6.99
CA ASP A 56 -3.71 -2.34 -7.12
C ASP A 56 -3.19 -3.76 -7.35
N LEU A 57 -3.33 -4.57 -6.32
CA LEU A 57 -2.81 -5.92 -6.29
C LEU A 57 -3.93 -6.98 -6.47
N SER A 58 -5.11 -6.54 -6.89
CA SER A 58 -6.26 -7.41 -7.06
C SER A 58 -6.08 -8.42 -8.17
N GLY A 59 -5.29 -8.11 -9.19
CA GLY A 59 -4.94 -9.16 -10.16
C GLY A 59 -3.47 -9.52 -10.11
N GLY A 60 -2.91 -9.57 -8.89
CA GLY A 60 -1.50 -9.87 -8.68
C GLY A 60 -0.68 -8.70 -9.21
N CYS A 61 0.57 -8.95 -9.60
CA CYS A 61 1.46 -7.90 -10.17
C CYS A 61 1.04 -7.17 -11.49
N LEU A 62 0.25 -7.81 -12.33
CA LEU A 62 -0.24 -7.14 -13.55
C LEU A 62 -1.10 -5.88 -13.32
N SER A 63 -1.95 -5.91 -12.30
CA SER A 63 -2.93 -4.85 -12.07
C SER A 63 -2.25 -3.61 -11.51
N THR A 64 -0.94 -3.70 -11.19
CA THR A 64 -0.24 -2.49 -10.86
C THR A 64 -0.03 -1.52 -12.03
N GLY A 65 -0.30 -1.98 -13.27
CA GLY A 65 -0.25 -1.12 -14.44
C GLY A 65 1.17 -0.99 -14.98
N SER A 66 1.45 0.12 -15.66
CA SER A 66 2.75 0.32 -16.28
C SER A 66 3.61 1.26 -15.42
N HIS A 67 4.75 1.66 -15.93
CA HIS A 67 5.66 2.41 -15.11
C HIS A 67 5.00 3.74 -14.77
N PHE A 68 5.16 4.23 -13.54
CA PHE A 68 4.62 5.51 -13.16
C PHE A 68 5.25 6.62 -14.05
N ASN A 69 4.43 7.37 -14.79
CA ASN A 69 4.93 8.26 -15.86
C ASN A 69 4.04 9.55 -16.00
N PRO A 70 4.00 10.41 -14.94
CA PRO A 70 3.16 11.59 -14.97
C PRO A 70 3.67 12.62 -15.98
N GLU A 71 4.95 12.54 -16.36
CA GLU A 71 5.44 13.51 -17.33
C GLU A 71 5.35 13.01 -18.79
N HIS A 72 4.85 11.79 -19.00
CA HIS A 72 4.74 11.19 -20.35
C HIS A 72 6.04 11.14 -21.08
N LYS A 73 7.10 10.66 -20.45
CA LYS A 73 8.35 10.48 -21.13
C LYS A 73 8.46 9.04 -21.59
N ASP A 74 9.62 8.70 -22.15
CA ASP A 74 9.93 7.36 -22.55
C ASP A 74 10.67 6.68 -21.37
N HIS A 75 10.82 5.37 -21.49
CA HIS A 75 11.54 4.62 -20.51
C HIS A 75 12.98 4.97 -20.63
N GLY A 76 13.68 5.16 -19.53
CA GLY A 76 15.09 5.42 -19.63
C GLY A 76 15.90 4.89 -18.47
N HIS A 77 17.14 5.30 -18.44
CA HIS A 77 18.05 5.12 -17.30
C HIS A 77 17.72 6.15 -16.20
N PRO A 78 17.79 5.72 -14.91
CA PRO A 78 17.50 6.67 -13.83
C PRO A 78 18.39 7.94 -13.91
N ASN A 79 19.57 7.86 -14.50
CA ASN A 79 20.37 9.09 -14.70
C ASN A 79 19.93 9.95 -15.90
N ASP A 80 19.09 9.44 -16.79
CA ASP A 80 18.51 10.25 -17.89
C ASP A 80 17.40 11.23 -17.49
N VAL A 81 17.29 12.34 -18.23
CA VAL A 81 16.12 13.19 -18.18
C VAL A 81 14.91 12.56 -18.83
N ASN A 82 15.11 11.87 -19.97
CA ASN A 82 13.99 11.21 -20.64
C ASN A 82 13.87 9.81 -20.02
N ARG A 83 13.09 9.71 -18.95
CA ARG A 83 12.89 8.48 -18.18
C ARG A 83 11.51 8.68 -17.62
N HIS A 84 10.88 7.59 -17.22
CA HIS A 84 9.68 7.65 -16.38
C HIS A 84 10.07 8.03 -14.96
N VAL A 85 9.19 8.63 -14.16
CA VAL A 85 9.49 8.93 -12.76
C VAL A 85 9.78 7.59 -12.02
N GLY A 86 9.09 6.52 -12.43
CA GLY A 86 9.25 5.22 -11.79
C GLY A 86 10.46 4.36 -12.17
N ASP A 87 11.33 4.85 -13.04
CA ASP A 87 12.44 4.06 -13.55
C ASP A 87 13.54 4.14 -12.51
N LEU A 88 13.55 3.26 -11.53
CA LEU A 88 14.63 3.30 -10.51
C LEU A 88 15.81 2.52 -10.99
N GLY A 89 15.70 1.78 -12.09
CA GLY A 89 16.87 1.05 -12.56
C GLY A 89 16.81 -0.45 -12.31
N ASN A 90 17.95 -1.07 -12.03
CA ASN A 90 18.06 -2.50 -11.75
C ASN A 90 18.59 -2.62 -10.35
N VAL A 91 18.23 -3.70 -9.65
CA VAL A 91 18.86 -4.02 -8.38
C VAL A 91 19.76 -5.21 -8.58
N VAL A 92 20.88 -5.25 -7.85
CA VAL A 92 21.86 -6.31 -8.02
C VAL A 92 21.85 -7.32 -6.90
N PHE A 93 21.77 -8.62 -7.24
CA PHE A 93 21.85 -9.71 -6.26
C PHE A 93 23.26 -10.28 -6.21
N ASP A 94 23.70 -10.68 -4.99
CA ASP A 94 25.04 -11.25 -4.85
C ASP A 94 24.94 -12.75 -4.93
N GLU A 95 26.10 -13.41 -4.82
CA GLU A 95 26.21 -14.87 -4.90
C GLU A 95 25.36 -15.56 -3.83
N ASN A 96 25.09 -14.84 -2.75
CA ASN A 96 24.20 -15.31 -1.67
C ASN A 96 22.73 -15.04 -1.92
N HIS A 97 22.32 -14.69 -3.16
CA HIS A 97 20.91 -14.38 -3.45
C HIS A 97 20.34 -13.26 -2.59
N TYR A 98 21.19 -12.30 -2.25
CA TYR A 98 20.83 -11.16 -1.49
C TYR A 98 21.14 -9.83 -2.25
N SER A 99 20.21 -8.87 -2.21
CA SER A 99 20.40 -7.61 -2.89
C SER A 99 20.28 -6.52 -1.83
N ARG A 100 21.32 -5.69 -1.75
CA ARG A 100 21.39 -4.51 -0.95
C ARG A 100 20.98 -3.36 -1.86
N ILE A 101 19.87 -2.70 -1.56
CA ILE A 101 19.49 -1.50 -2.28
C ILE A 101 19.92 -0.22 -1.53
N ASP A 102 20.58 0.69 -2.24
CA ASP A 102 21.00 1.91 -1.61
C ASP A 102 21.24 2.97 -2.64
N LEU A 103 20.25 3.82 -2.85
CA LEU A 103 20.35 4.79 -3.93
C LEU A 103 19.56 6.01 -3.60
N VAL A 104 19.95 7.09 -4.25
CA VAL A 104 19.24 8.32 -4.11
C VAL A 104 18.62 8.60 -5.48
N ASP A 105 17.33 8.96 -5.51
CA ASP A 105 16.65 9.23 -6.76
C ASP A 105 16.10 10.67 -6.77
N ASP A 106 16.29 11.38 -7.87
CA ASP A 106 15.80 12.79 -7.92
C ASP A 106 14.52 12.98 -8.72
N GLN A 107 13.83 11.91 -9.11
CA GLN A 107 12.53 12.09 -9.78
C GLN A 107 11.31 11.77 -8.87
N ILE A 108 11.36 10.65 -8.14
CA ILE A 108 10.30 10.29 -7.23
C ILE A 108 10.20 11.27 -6.04
N SER A 109 9.03 11.34 -5.45
CA SER A 109 8.81 12.14 -4.29
C SER A 109 7.77 11.39 -3.41
N LEU A 110 7.67 11.83 -2.17
CA LEU A 110 6.74 11.30 -1.21
C LEU A 110 5.40 12.04 -1.27
N SER A 111 5.37 13.18 -1.95
CA SER A 111 4.12 13.92 -2.18
C SER A 111 4.18 14.70 -3.52
N GLY A 112 3.11 15.37 -3.88
CA GLY A 112 3.08 16.15 -5.12
C GLY A 112 2.75 15.27 -6.30
N PRO A 113 2.89 15.81 -7.52
CA PRO A 113 2.52 14.95 -8.62
C PRO A 113 3.55 13.83 -8.94
N HIS A 114 4.77 13.86 -8.41
CA HIS A 114 5.66 12.69 -8.53
C HIS A 114 5.57 11.78 -7.30
N GLY A 115 4.54 12.00 -6.48
CA GLY A 115 4.40 11.31 -5.21
C GLY A 115 4.14 9.85 -5.51
N ILE A 116 4.89 8.95 -4.87
CA ILE A 116 4.72 7.46 -5.08
C ILE A 116 3.95 6.75 -3.97
N ILE A 117 3.46 7.47 -2.96
CA ILE A 117 2.72 6.76 -1.91
C ILE A 117 1.40 6.24 -2.47
N GLY A 118 1.12 4.96 -2.19
CA GLY A 118 -0.06 4.29 -2.74
C GLY A 118 0.22 3.69 -4.10
N ARG A 119 1.44 3.90 -4.64
CA ARG A 119 1.82 3.27 -5.90
C ARG A 119 2.49 1.92 -5.58
N ALA A 120 3.07 1.23 -6.55
CA ALA A 120 3.61 -0.12 -6.25
C ALA A 120 5.06 -0.19 -6.70
N VAL A 121 5.90 -0.91 -5.95
CA VAL A 121 7.22 -1.23 -6.43
C VAL A 121 7.07 -2.61 -7.08
N VAL A 122 7.75 -2.84 -8.18
CA VAL A 122 7.68 -4.12 -8.89
C VAL A 122 9.08 -4.58 -9.24
N LEU A 123 9.40 -5.81 -8.84
CA LEU A 123 10.69 -6.43 -9.18
C LEU A 123 10.44 -7.35 -10.32
N HIS A 124 11.31 -7.30 -11.32
CA HIS A 124 11.10 -8.01 -12.55
C HIS A 124 12.02 -9.18 -12.71
N GLU A 125 11.68 -10.04 -13.67
CA GLU A 125 12.39 -11.28 -13.86
C GLU A 125 13.73 -11.11 -14.57
N LYS A 126 13.91 -10.00 -15.29
CA LYS A 126 15.23 -9.70 -15.89
C LYS A 126 15.62 -8.28 -15.83
N ALA A 127 16.83 -8.04 -16.31
CA ALA A 127 17.43 -6.72 -16.26
C ALA A 127 16.66 -5.69 -17.08
N ASP A 128 16.65 -4.47 -16.60
CA ASP A 128 16.13 -3.32 -17.37
C ASP A 128 17.24 -2.91 -18.36
N ASP A 129 16.92 -2.78 -19.67
CA ASP A 129 17.95 -2.42 -20.69
C ASP A 129 17.96 -0.89 -20.94
N TYR A 130 17.22 -0.17 -20.13
CA TYR A 130 17.22 1.28 -19.99
C TYR A 130 16.72 1.98 -21.23
N GLY A 131 15.94 1.26 -22.05
CA GLY A 131 15.38 1.82 -23.30
C GLY A 131 16.42 1.96 -24.43
N LYS A 132 17.55 1.29 -24.31
CA LYS A 132 18.70 1.50 -25.20
C LYS A 132 18.87 0.38 -26.24
N SER A 133 18.03 -0.65 -26.12
CA SER A 133 18.10 -1.72 -27.09
C SER A 133 17.06 -1.56 -28.22
N ASP A 134 17.04 -2.60 -29.04
CA ASP A 134 16.33 -2.74 -30.27
C ASP A 134 15.04 -3.59 -30.12
N HIS A 135 14.89 -4.25 -28.96
CA HIS A 135 13.71 -5.07 -28.62
C HIS A 135 12.44 -4.18 -28.63
N PRO A 136 11.27 -4.67 -29.12
CA PRO A 136 10.09 -3.78 -29.23
C PRO A 136 9.56 -3.07 -27.95
N ASP A 137 9.74 -3.70 -26.77
CA ASP A 137 9.32 -3.13 -25.47
C ASP A 137 10.34 -2.11 -24.85
N SER A 138 11.50 -1.92 -25.47
CA SER A 138 12.60 -1.24 -24.78
C SER A 138 12.25 0.17 -24.25
N ARG A 139 11.64 1.02 -25.10
CA ARG A 139 11.37 2.39 -24.74
C ARG A 139 10.13 2.55 -23.90
N LYS A 140 9.44 1.45 -23.61
CA LYS A 140 8.32 1.42 -22.70
C LYS A 140 8.59 0.74 -21.33
N THR A 141 9.25 -0.42 -21.37
CA THR A 141 9.40 -1.22 -20.20
C THR A 141 10.84 -1.55 -19.91
N GLY A 142 11.74 -1.24 -20.84
CA GLY A 142 13.12 -1.70 -20.62
C GLY A 142 13.36 -3.19 -20.89
N ASN A 143 12.33 -3.89 -21.44
CA ASN A 143 12.38 -5.32 -21.73
C ASN A 143 12.75 -6.09 -20.44
N ALA A 144 12.14 -5.73 -19.31
CA ALA A 144 12.56 -6.38 -18.03
C ALA A 144 11.76 -7.64 -17.74
N GLY A 145 10.77 -7.87 -18.58
CA GLY A 145 10.07 -9.15 -18.58
C GLY A 145 8.96 -9.18 -17.54
N GLY A 146 8.61 -10.39 -17.09
CA GLY A 146 7.52 -10.63 -16.15
C GLY A 146 7.87 -10.09 -14.77
N ARG A 147 6.87 -10.15 -13.89
CA ARG A 147 6.89 -9.44 -12.63
C ARG A 147 7.05 -10.47 -11.55
N VAL A 148 8.15 -10.47 -10.82
CA VAL A 148 8.35 -11.59 -9.87
C VAL A 148 7.79 -11.28 -8.48
N ALA A 149 7.70 -10.00 -8.11
CA ALA A 149 7.11 -9.61 -6.85
C ALA A 149 6.75 -8.15 -6.90
N CYS A 150 5.77 -7.75 -6.07
CA CYS A 150 5.36 -6.37 -5.95
C CYS A 150 4.88 -6.04 -4.57
N GLY A 151 4.89 -4.76 -4.22
CA GLY A 151 4.30 -4.35 -2.95
C GLY A 151 3.76 -2.96 -3.09
N VAL A 152 2.66 -2.67 -2.43
CA VAL A 152 2.17 -1.30 -2.34
C VAL A 152 3.09 -0.43 -1.44
N ILE A 153 3.38 0.77 -1.88
CA ILE A 153 4.17 1.70 -1.04
C ILE A 153 3.30 2.36 0.01
N GLY A 154 3.51 2.00 1.30
CA GLY A 154 2.67 2.47 2.38
C GLY A 154 3.37 3.53 3.21
N ILE A 155 2.60 4.28 3.99
CA ILE A 155 3.10 5.29 4.89
C ILE A 155 3.77 4.52 6.04
N LEU A 156 5.04 4.82 6.22
CA LEU A 156 5.79 4.34 7.33
C LEU A 156 5.75 5.54 8.25
N THR B 5 -3.68 15.96 -10.24
CA THR B 5 -4.86 15.03 -10.12
C THR B 5 -4.82 14.10 -8.89
N THR B 6 -5.34 14.53 -7.74
CA THR B 6 -5.54 13.59 -6.62
C THR B 6 -6.40 12.38 -7.10
N PRO B 7 -6.24 11.19 -6.46
CA PRO B 7 -6.99 10.06 -7.03
C PRO B 7 -8.50 10.20 -6.80
N SER B 8 -9.29 9.58 -7.66
CA SER B 8 -10.70 9.44 -7.41
C SER B 8 -10.97 8.04 -6.79
N ARG B 9 -10.06 7.09 -6.98
CA ARG B 9 -10.31 5.71 -6.53
C ARG B 9 -9.13 5.01 -5.85
N ALA B 10 -9.42 4.21 -4.83
CA ALA B 10 -8.37 3.44 -4.16
C ALA B 10 -8.81 2.01 -3.93
N ILE B 11 -7.84 1.13 -3.66
CA ILE B 11 -8.14 -0.24 -3.38
C ILE B 11 -7.19 -0.84 -2.29
N ALA B 12 -7.71 -1.72 -1.44
CA ALA B 12 -6.90 -2.58 -0.55
C ALA B 12 -7.24 -4.00 -0.80
N VAL B 13 -6.22 -4.85 -0.93
CA VAL B 13 -6.39 -6.28 -1.17
C VAL B 13 -6.02 -7.11 0.07
N LEU B 14 -6.89 -8.01 0.49
CA LEU B 14 -6.56 -8.86 1.63
C LEU B 14 -6.22 -10.19 1.04
N SER B 15 -5.14 -10.80 1.54
CA SER B 15 -4.70 -12.05 0.93
C SER B 15 -3.96 -12.88 1.92
N THR B 16 -4.60 -13.91 2.40
CA THR B 16 -4.00 -14.73 3.39
C THR B 16 -4.25 -16.21 2.97
N GLU B 17 -3.72 -17.18 3.73
CA GLU B 17 -4.01 -18.57 3.47
C GLU B 17 -5.47 -18.85 3.62
N THR B 18 -6.19 -18.04 4.39
CA THR B 18 -7.61 -18.32 4.58
C THR B 18 -8.58 -17.23 4.09
N ILE B 19 -8.07 -16.02 3.93
CA ILE B 19 -8.87 -14.81 3.63
C ILE B 19 -8.44 -14.18 2.30
N ARG B 20 -9.39 -13.87 1.38
CA ARG B 20 -9.12 -13.17 0.14
C ARG B 20 -10.25 -12.15 -0.08
N GLY B 21 -9.90 -10.92 -0.43
CA GLY B 21 -10.91 -9.89 -0.59
C GLY B 21 -10.33 -8.67 -1.26
N ASN B 22 -11.19 -7.84 -1.88
CA ASN B 22 -10.76 -6.53 -2.40
C ASN B 22 -11.71 -5.50 -1.81
N ILE B 23 -11.18 -4.38 -1.35
CA ILE B 23 -12.01 -3.31 -0.79
C ILE B 23 -11.65 -2.08 -1.56
N THR B 24 -12.63 -1.46 -2.26
CA THR B 24 -12.36 -0.27 -3.07
C THR B 24 -12.99 0.93 -2.43
N PHE B 25 -12.40 2.10 -2.66
CA PHE B 25 -12.82 3.33 -2.04
C PHE B 25 -12.95 4.34 -3.21
N THR B 26 -14.11 4.95 -3.37
CA THR B 26 -14.31 5.88 -4.49
C THR B 26 -14.85 7.21 -3.94
N GLN B 27 -14.21 8.30 -4.30
CA GLN B 27 -14.55 9.56 -3.71
C GLN B 27 -15.82 10.06 -4.39
N VAL B 28 -16.91 10.18 -3.61
CA VAL B 28 -18.23 10.58 -4.16
C VAL B 28 -18.68 12.01 -3.75
N GLN B 29 -19.99 12.12 -3.50
CA GLN B 29 -20.77 13.22 -2.84
C GLN B 29 -20.18 14.55 -2.31
N ASP B 30 -20.81 14.99 -1.21
CA ASP B 30 -20.39 16.10 -0.38
C ASP B 30 -19.23 15.65 0.51
N GLY B 31 -18.04 15.53 -0.09
CA GLY B 31 -16.84 14.98 0.59
C GLY B 31 -17.01 13.61 1.22
N LYS B 32 -17.58 12.66 0.46
CA LYS B 32 -17.88 11.32 0.98
C LYS B 32 -17.20 10.21 0.18
N VAL B 33 -16.82 9.12 0.86
CA VAL B 33 -16.19 7.97 0.19
C VAL B 33 -17.11 6.76 0.22
N HIS B 34 -17.28 6.17 -0.96
CA HIS B 34 -18.06 4.96 -1.10
C HIS B 34 -17.13 3.72 -1.06
N VAL B 35 -17.33 2.88 -0.02
CA VAL B 35 -16.46 1.72 0.26
C VAL B 35 -17.23 0.52 -0.20
N GLN B 36 -16.70 -0.25 -1.13
CA GLN B 36 -17.37 -1.42 -1.66
C GLN B 36 -16.39 -2.57 -1.62
N GLY B 37 -16.88 -3.78 -1.58
CA GLY B 37 -15.89 -4.84 -1.57
C GLY B 37 -16.56 -6.15 -1.32
N GLY B 38 -15.77 -7.20 -1.44
CA GLY B 38 -16.22 -8.51 -1.05
C GLY B 38 -15.04 -9.23 -0.49
N ILE B 39 -15.28 -10.02 0.55
CA ILE B 39 -14.27 -10.87 1.20
C ILE B 39 -14.85 -12.22 1.41
N THR B 40 -14.04 -13.27 1.26
CA THR B 40 -14.38 -14.57 1.78
C THR B 40 -13.40 -15.04 2.91
N GLY B 41 -13.88 -15.89 3.79
CA GLY B 41 -12.99 -16.72 4.55
C GLY B 41 -13.27 -16.76 6.04
N LEU B 42 -14.30 -16.04 6.50
CA LEU B 42 -14.66 -16.09 7.88
C LEU B 42 -16.07 -16.62 8.06
N PRO B 43 -16.32 -17.36 9.13
CA PRO B 43 -17.65 -17.87 9.50
C PRO B 43 -18.69 -16.71 9.63
N PRO B 44 -20.01 -17.00 9.56
CA PRO B 44 -21.04 -15.92 9.68
C PRO B 44 -20.86 -15.11 10.95
N GLY B 45 -21.02 -13.80 10.84
CA GLY B 45 -20.88 -12.93 12.05
C GLY B 45 -20.30 -11.59 11.70
N GLU B 46 -19.98 -10.78 12.71
CA GLU B 46 -19.48 -9.41 12.53
C GLU B 46 -18.02 -9.27 12.99
N TYR B 47 -17.27 -8.49 12.22
CA TYR B 47 -15.80 -8.47 12.43
C TYR B 47 -15.35 -7.06 12.29
N GLY B 48 -14.54 -6.60 13.23
CA GLY B 48 -14.04 -5.24 13.22
C GLY B 48 -13.29 -4.90 11.93
N PHE B 49 -13.56 -3.74 11.35
CA PHE B 49 -12.94 -3.38 10.08
C PHE B 49 -12.48 -1.91 10.18
N HIS B 50 -11.17 -1.65 10.15
CA HIS B 50 -10.68 -0.27 10.38
C HIS B 50 -9.58 0.13 9.43
N VAL B 51 -9.40 1.44 9.24
CA VAL B 51 -8.20 1.95 8.56
C VAL B 51 -7.21 2.27 9.69
N HIS B 52 -6.05 1.59 9.65
CA HIS B 52 -5.04 1.79 10.69
C HIS B 52 -4.07 2.80 10.10
N GLU B 53 -3.25 3.40 10.96
CA GLU B 53 -2.45 4.59 10.63
C GLU B 53 -1.32 4.42 9.61
N LYS B 54 -0.65 3.26 9.63
CA LYS B 54 0.59 3.01 8.88
C LYS B 54 0.29 1.94 7.81
N GLY B 55 0.87 2.09 6.60
CA GLY B 55 0.82 1.03 5.57
C GLY B 55 2.15 0.31 5.52
N ASP B 56 2.61 -0.11 6.70
CA ASP B 56 3.84 -0.82 6.93
C ASP B 56 3.52 -2.25 7.31
N LEU B 57 3.79 -3.13 6.36
CA LEU B 57 3.53 -4.55 6.51
C LEU B 57 4.77 -5.32 6.85
N SER B 58 5.88 -4.66 7.17
CA SER B 58 7.14 -5.36 7.43
C SER B 58 7.09 -6.23 8.73
N GLY B 59 6.27 -5.82 9.69
CA GLY B 59 6.01 -6.72 10.82
C GLY B 59 4.65 -7.38 10.73
N GLY B 60 4.14 -7.56 9.51
CA GLY B 60 2.77 -8.14 9.32
C GLY B 60 1.71 -7.14 9.73
N CYS B 61 0.51 -7.60 10.12
CA CYS B 61 -0.56 -6.66 10.45
C CYS B 61 -0.32 -5.73 11.65
N LEU B 62 0.54 -6.20 12.57
CA LEU B 62 0.90 -5.45 13.78
C LEU B 62 1.62 -4.08 13.52
N SER B 63 2.52 -4.01 12.53
CA SER B 63 3.18 -2.72 12.18
C SER B 63 2.28 -1.67 11.49
N THR B 64 1.03 -2.00 11.21
CA THR B 64 0.10 -1.00 10.73
C THR B 64 -0.34 0.06 11.80
N GLY B 65 0.08 -0.16 13.05
CA GLY B 65 -0.16 0.86 14.08
C GLY B 65 -1.57 0.70 14.60
N SER B 66 -2.13 1.78 15.10
CA SER B 66 -3.46 1.74 15.69
C SER B 66 -4.44 2.38 14.73
N HIS B 67 -5.70 2.54 15.15
CA HIS B 67 -6.71 3.11 14.28
C HIS B 67 -6.27 4.50 13.77
N PHE B 68 -6.54 4.84 12.50
CA PHE B 68 -6.13 6.13 11.99
C PHE B 68 -6.97 7.21 12.69
N ASN B 69 -6.27 8.19 13.28
CA ASN B 69 -6.88 9.07 14.30
C ASN B 69 -6.28 10.47 14.32
N PRO B 70 -6.34 11.19 13.19
CA PRO B 70 -5.69 12.47 13.13
C PRO B 70 -6.33 13.55 14.01
N GLU B 71 -7.62 13.35 14.34
CA GLU B 71 -8.36 14.31 15.13
C GLU B 71 -8.22 14.08 16.57
N HIS B 72 -7.47 13.05 16.96
CA HIS B 72 -7.27 12.65 18.39
C HIS B 72 -8.57 12.50 19.21
N LYS B 73 -9.51 11.70 18.66
CA LYS B 73 -10.78 11.44 19.30
C LYS B 73 -10.68 10.07 19.91
N ASP B 74 -11.74 9.61 20.57
CA ASP B 74 -11.84 8.24 21.09
C ASP B 74 -12.49 7.27 20.10
N HIS B 75 -12.36 6.00 20.36
CA HIS B 75 -13.00 4.98 19.53
C HIS B 75 -14.51 5.04 19.56
N GLY B 76 -15.16 5.06 18.39
CA GLY B 76 -16.62 4.98 18.40
C GLY B 76 -17.22 4.30 17.18
N HIS B 77 -18.51 4.56 16.94
CA HIS B 77 -19.26 3.96 15.87
C HIS B 77 -19.17 4.92 14.66
N PRO B 78 -19.11 4.38 13.42
CA PRO B 78 -18.97 5.42 12.36
C PRO B 78 -20.02 6.56 12.37
N ASN B 79 -21.21 6.37 12.97
CA ASN B 79 -22.21 7.43 13.01
C ASN B 79 -21.97 8.45 14.13
N ASP B 80 -21.02 8.16 15.04
CA ASP B 80 -20.71 9.09 16.12
C ASP B 80 -19.85 10.29 15.70
N VAL B 81 -20.06 11.41 16.39
CA VAL B 81 -19.14 12.53 16.28
C VAL B 81 -17.77 12.17 16.96
N ASN B 82 -17.84 11.53 18.12
CA ASN B 82 -16.59 11.16 18.77
C ASN B 82 -16.08 9.77 18.32
N ARG B 83 -15.29 9.71 17.23
CA ARG B 83 -14.75 8.42 16.66
C ARG B 83 -13.37 8.70 16.01
N HIS B 84 -12.59 7.65 15.74
CA HIS B 84 -11.39 7.77 14.91
C HIS B 84 -11.80 7.93 13.44
N VAL B 85 -11.04 8.67 12.68
CA VAL B 85 -11.29 8.68 11.25
C VAL B 85 -11.35 7.24 10.67
N GLY B 86 -10.54 6.34 11.17
CA GLY B 86 -10.56 5.03 10.52
C GLY B 86 -11.58 4.03 11.07
N ASP B 87 -12.53 4.49 11.89
CA ASP B 87 -13.55 3.56 12.43
C ASP B 87 -14.63 3.37 11.39
N LEU B 88 -14.64 2.22 10.72
CA LEU B 88 -15.69 1.94 9.71
C LEU B 88 -16.68 0.88 10.24
N GLY B 89 -16.51 0.49 11.51
CA GLY B 89 -17.52 -0.36 12.16
C GLY B 89 -17.13 -1.80 11.89
N ASN B 90 -18.13 -2.63 11.61
CA ASN B 90 -17.95 -4.06 11.44
C ASN B 90 -18.32 -4.39 10.02
N VAL B 91 -17.71 -5.43 9.47
CA VAL B 91 -18.27 -6.09 8.31
C VAL B 91 -18.98 -7.41 8.73
N VAL B 92 -19.89 -7.89 7.87
CA VAL B 92 -20.77 -9.00 8.15
C VAL B 92 -20.47 -10.14 7.18
N PHE B 93 -20.18 -11.31 7.69
CA PHE B 93 -20.02 -12.48 6.82
C PHE B 93 -21.30 -13.31 6.89
N ASP B 94 -21.83 -13.66 5.73
CA ASP B 94 -23.08 -14.40 5.64
C ASP B 94 -22.77 -15.88 5.75
N GLU B 95 -23.79 -16.71 5.54
CA GLU B 95 -23.67 -18.12 5.90
C GLU B 95 -22.75 -18.90 4.95
N ASN B 96 -22.45 -18.34 3.79
CA ASN B 96 -21.53 -18.93 2.83
C ASN B 96 -20.10 -18.34 3.01
N HIS B 97 -19.83 -17.77 4.21
CA HIS B 97 -18.55 -17.14 4.62
C HIS B 97 -18.10 -16.07 3.63
N TYR B 98 -19.04 -15.28 3.17
CA TYR B 98 -18.81 -14.24 2.23
C TYR B 98 -19.29 -12.93 2.87
N SER B 99 -18.53 -11.86 2.66
CA SER B 99 -18.94 -10.53 3.14
C SER B 99 -19.00 -9.58 1.95
N ARG B 100 -20.17 -8.94 1.75
CA ARG B 100 -20.22 -7.80 0.84
C ARG B 100 -20.11 -6.53 1.64
N ILE B 101 -19.29 -5.61 1.17
CA ILE B 101 -19.22 -4.31 1.83
C ILE B 101 -19.83 -3.31 0.90
N ASP B 102 -20.70 -2.45 1.41
CA ASP B 102 -21.18 -1.36 0.57
C ASP B 102 -21.57 -0.28 1.53
N LEU B 103 -20.67 0.65 1.81
CA LEU B 103 -21.03 1.69 2.78
C LEU B 103 -20.56 3.03 2.33
N VAL B 104 -21.09 4.07 2.94
CA VAL B 104 -20.66 5.43 2.66
C VAL B 104 -20.14 6.14 3.89
N ASP B 105 -18.94 6.69 3.77
CA ASP B 105 -18.34 7.37 4.92
C ASP B 105 -17.93 8.83 4.67
N ASP B 106 -18.03 9.66 5.69
CA ASP B 106 -17.79 11.10 5.49
C ASP B 106 -16.65 11.61 6.32
N GLN B 107 -15.97 10.71 7.05
CA GLN B 107 -14.72 11.08 7.75
C GLN B 107 -13.47 10.74 6.90
N ILE B 108 -13.40 9.55 6.32
CA ILE B 108 -12.24 9.17 5.56
C ILE B 108 -12.23 9.96 4.22
N SER B 109 -11.03 10.25 3.72
CA SER B 109 -10.94 10.90 2.40
C SER B 109 -9.85 10.20 1.61
N LEU B 110 -9.78 10.47 0.31
CA LEU B 110 -8.72 10.00 -0.53
C LEU B 110 -7.55 11.00 -0.66
N SER B 111 -7.70 12.18 -0.02
CA SER B 111 -6.65 13.20 0.02
C SER B 111 -6.82 14.10 1.24
N GLY B 112 -5.83 14.95 1.50
CA GLY B 112 -5.84 15.86 2.64
C GLY B 112 -5.54 15.18 3.96
N PRO B 113 -5.88 15.85 5.08
CA PRO B 113 -5.52 15.35 6.40
C PRO B 113 -6.25 14.04 6.77
N HIS B 114 -7.36 13.77 6.10
CA HIS B 114 -8.15 12.58 6.39
C HIS B 114 -7.89 11.55 5.31
N GLY B 115 -6.83 11.77 4.53
CA GLY B 115 -6.47 10.87 3.46
C GLY B 115 -6.02 9.50 3.97
N ILE B 116 -6.45 8.46 3.26
CA ILE B 116 -6.15 7.10 3.69
C ILE B 116 -5.21 6.34 2.73
N ILE B 117 -4.81 6.99 1.66
CA ILE B 117 -3.96 6.35 0.69
C ILE B 117 -2.62 6.08 1.36
N GLY B 118 -2.09 4.87 1.26
CA GLY B 118 -0.84 4.63 1.95
C GLY B 118 -1.00 4.04 3.30
N ARG B 119 -2.23 3.97 3.76
CA ARG B 119 -2.55 3.45 5.05
C ARG B 119 -3.05 1.99 4.91
N ALA B 120 -3.40 1.35 6.01
CA ALA B 120 -3.79 -0.04 5.93
C ALA B 120 -5.26 -0.22 6.32
N VAL B 121 -5.95 -1.14 5.65
CA VAL B 121 -7.22 -1.65 6.09
C VAL B 121 -6.87 -2.92 6.92
N VAL B 122 -7.49 -3.12 8.10
CA VAL B 122 -7.24 -4.33 8.93
C VAL B 122 -8.57 -4.91 9.27
N LEU B 123 -8.69 -6.20 9.01
CA LEU B 123 -9.87 -6.99 9.34
C LEU B 123 -9.54 -7.74 10.65
N HIS B 124 -10.48 -7.68 11.61
CA HIS B 124 -10.19 -8.14 12.98
C HIS B 124 -10.83 -9.47 13.31
N GLU B 125 -10.40 -10.11 14.39
CA GLU B 125 -10.86 -11.47 14.69
C GLU B 125 -12.31 -11.51 15.21
N LYS B 126 -12.76 -10.41 15.81
CA LYS B 126 -14.13 -10.37 16.32
C LYS B 126 -14.74 -8.99 16.19
N ALA B 127 -15.96 -8.88 16.72
CA ALA B 127 -16.79 -7.74 16.45
C ALA B 127 -16.27 -6.55 17.23
N ASP B 128 -16.34 -5.39 16.60
CA ASP B 128 -16.06 -4.09 17.24
C ASP B 128 -17.32 -3.71 18.06
N ASP B 129 -17.11 -3.25 19.30
CA ASP B 129 -18.21 -2.85 20.22
C ASP B 129 -18.40 -1.36 20.28
N TYR B 130 -17.67 -0.65 19.41
CA TYR B 130 -18.00 0.72 19.02
C TYR B 130 -17.69 1.67 20.19
N GLY B 131 -16.88 1.22 21.13
CA GLY B 131 -16.52 2.12 22.20
C GLY B 131 -17.59 2.15 23.28
N LYS B 132 -18.49 1.17 23.25
CA LYS B 132 -19.70 1.15 24.12
C LYS B 132 -19.80 -0.02 25.06
N SER B 133 -18.72 -0.66 25.46
CA SER B 133 -18.87 -1.63 26.54
C SER B 133 -18.10 -1.18 27.76
N ASP B 134 -18.28 -1.91 28.89
CA ASP B 134 -17.41 -1.79 30.07
C ASP B 134 -16.00 -2.39 29.84
N HIS B 135 -15.84 -3.24 28.82
CA HIS B 135 -14.56 -3.91 28.55
C HIS B 135 -13.41 -2.91 28.46
N PRO B 136 -12.26 -3.22 29.12
CA PRO B 136 -11.08 -2.32 29.23
C PRO B 136 -10.62 -1.68 27.91
N ASP B 137 -10.58 -2.47 26.84
CA ASP B 137 -10.17 -1.97 25.52
C ASP B 137 -11.21 -1.17 24.74
N SER B 138 -12.48 -1.29 25.12
CA SER B 138 -13.56 -0.67 24.38
C SER B 138 -13.24 0.67 23.77
N ARG B 139 -12.69 1.61 24.54
CA ARG B 139 -12.53 3.02 24.09
C ARG B 139 -11.37 3.34 23.15
N LYS B 140 -10.44 2.39 23.02
CA LYS B 140 -9.35 2.53 22.07
C LYS B 140 -9.53 1.69 20.76
N THR B 141 -9.94 0.43 20.91
CA THR B 141 -9.96 -0.54 19.81
C THR B 141 -11.35 -1.15 19.56
N GLY B 142 -12.27 -0.90 20.50
CA GLY B 142 -13.57 -1.56 20.43
C GLY B 142 -13.52 -3.03 20.77
N ASN B 143 -12.44 -3.44 21.41
CA ASN B 143 -12.27 -4.80 21.78
C ASN B 143 -12.60 -5.73 20.59
N ALA B 144 -12.09 -5.37 19.40
CA ALA B 144 -12.26 -6.24 18.23
C ALA B 144 -11.21 -7.37 18.11
N GLY B 145 -10.26 -7.41 19.04
CA GLY B 145 -9.36 -8.56 19.12
C GLY B 145 -8.22 -8.42 18.09
N GLY B 146 -7.58 -9.55 17.79
CA GLY B 146 -6.41 -9.61 16.92
C GLY B 146 -6.69 -9.30 15.45
N ARG B 147 -5.61 -9.18 14.69
CA ARG B 147 -5.67 -8.79 13.30
C ARG B 147 -5.58 -10.02 12.44
N VAL B 148 -6.64 -10.34 11.67
CA VAL B 148 -6.59 -11.51 10.80
C VAL B 148 -6.07 -11.29 9.34
N ALA B 149 -6.19 -10.07 8.82
CA ALA B 149 -5.69 -9.73 7.47
C ALA B 149 -5.65 -8.21 7.37
N CYS B 150 -4.70 -7.72 6.58
CA CYS B 150 -4.58 -6.31 6.34
C CYS B 150 -4.03 -6.10 4.89
N GLY B 151 -4.24 -4.92 4.33
CA GLY B 151 -3.68 -4.61 3.06
C GLY B 151 -3.54 -3.14 3.01
N VAL B 152 -2.48 -2.68 2.32
CA VAL B 152 -2.14 -1.26 2.22
C VAL B 152 -3.17 -0.68 1.23
N ILE B 153 -3.58 0.54 1.47
CA ILE B 153 -4.56 1.17 0.61
C ILE B 153 -3.80 1.85 -0.53
N GLY B 154 -3.97 1.31 -1.74
CA GLY B 154 -3.21 1.82 -2.89
C GLY B 154 -4.11 2.49 -3.92
N ILE B 155 -3.50 3.33 -4.73
CA ILE B 155 -4.18 4.03 -5.78
C ILE B 155 -4.74 3.07 -6.84
N LEU B 156 -5.98 3.31 -7.21
CA LEU B 156 -6.68 2.44 -8.14
C LEU B 156 -6.78 3.03 -9.53
#